data_1KI8
#
_entry.id   1KI8
#
_cell.length_a   113.400
_cell.length_b   116.900
_cell.length_c   108.200
_cell.angle_alpha   90.00
_cell.angle_beta   90.00
_cell.angle_gamma   90.00
#
_symmetry.space_group_name_H-M   'C 2 2 21'
#
loop_
_entity.id
_entity.type
_entity.pdbx_description
1 polymer 'THYMIDINE KINASE'
2 non-polymer 'SULFATE ION'
3 non-polymer 5-BROMOVINYLDEOXYURIDINE
4 water water
#
_entity_poly.entity_id   1
_entity_poly.type   'polypeptide(L)'
_entity_poly.pdbx_seq_one_letter_code
;MPTLLRVYIDGPHGMGKTTTTQLLVALGSRDDIVYVPEPMTYWRVLGASETIANIYTTQHRLDQGEISAGDAAVVMTSAQ
ITMGMPYAVTDAVLAPHIGGEAGSSHAPPPALTLIFDRHPIAALLCYPAARYLMGSMTPQAVLAFVALIPPTLPGTNIVL
GALPEDRHIDRLAKRQRPGERLDLAMLAAIRRVYGLLANTVRYLQCGGSWREDWGQLSGTAVPPQGAEPQSNAGPRPHIG
DTLFTLFRAPELLAPNGDLYNVFAWALDVLAKRLRSMHVFILDYDQSPAGCRDALLQLTSGMVQTHVTTPGSIPTICDLA
RTFAREMGEAN
;
_entity_poly.pdbx_strand_id   A,B
#
loop_
_chem_comp.id
_chem_comp.type
_chem_comp.name
_chem_comp.formula
BVD non-polymer 5-BROMOVINYLDEOXYURIDINE 'C11 H13 Br N2 O5'
SO4 non-polymer 'SULFATE ION' 'O4 S -2'
#
# COMPACT_ATOMS: atom_id res chain seq x y z
N MET A 1 30.96 3.33 -0.73
CA MET A 1 29.76 4.20 -0.66
C MET A 1 29.65 4.79 0.73
N PRO A 2 29.31 6.10 0.86
CA PRO A 2 29.20 6.68 2.20
C PRO A 2 28.00 6.09 2.93
N THR A 3 27.96 6.29 4.24
CA THR A 3 26.87 5.73 5.03
C THR A 3 25.85 6.76 5.46
N LEU A 4 24.62 6.30 5.58
CA LEU A 4 23.50 7.13 6.03
C LEU A 4 22.95 6.50 7.29
N LEU A 5 22.41 7.33 8.17
CA LEU A 5 21.80 6.82 9.39
C LEU A 5 20.41 7.41 9.42
N ARG A 6 19.39 6.55 9.29
CA ARG A 6 18.00 6.99 9.35
C ARG A 6 17.46 6.64 10.75
N VAL A 7 16.75 7.57 11.34
CA VAL A 7 16.18 7.38 12.67
C VAL A 7 14.71 7.81 12.55
N TYR A 8 13.77 6.99 12.99
CA TYR A 8 12.36 7.39 12.91
C TYR A 8 11.79 7.65 14.30
N ILE A 9 11.49 8.89 14.62
CA ILE A 9 10.94 9.19 15.94
C ILE A 9 9.47 8.86 15.83
N ASP A 10 8.98 7.98 16.69
CA ASP A 10 7.58 7.60 16.61
C ASP A 10 7.05 7.29 18.00
N GLY A 11 5.75 7.03 18.09
CA GLY A 11 5.14 6.71 19.37
C GLY A 11 3.83 7.44 19.42
N PRO A 12 3.15 7.45 20.57
CA PRO A 12 1.88 8.16 20.65
C PRO A 12 2.14 9.66 20.48
N HIS A 13 1.12 10.39 20.06
CA HIS A 13 1.20 11.85 19.90
C HIS A 13 1.03 12.46 21.30
N GLY A 14 1.58 13.65 21.52
CA GLY A 14 1.46 14.30 22.81
C GLY A 14 2.61 14.03 23.75
N MET A 15 3.62 13.30 23.29
CA MET A 15 4.73 13.02 24.17
C MET A 15 5.89 14.03 24.05
N GLY A 16 5.80 14.93 23.08
CA GLY A 16 6.85 15.91 22.89
C GLY A 16 7.88 15.50 21.86
N LYS A 17 7.51 14.56 20.98
CA LYS A 17 8.36 13.97 19.93
C LYS A 17 8.93 15.02 18.98
N THR A 18 8.07 15.80 18.37
CA THR A 18 8.50 16.82 17.43
C THR A 18 9.37 17.82 18.14
N THR A 19 8.84 18.41 19.21
CA THR A 19 9.57 19.41 19.97
C THR A 19 11.01 19.02 20.23
N THR A 20 11.22 17.89 20.90
CA THR A 20 12.58 17.48 21.23
C THR A 20 13.43 17.09 20.03
N THR A 21 12.80 16.66 18.95
CA THR A 21 13.54 16.24 17.78
C THR A 21 14.04 17.38 16.89
N GLN A 22 13.34 18.51 16.87
CA GLN A 22 13.80 19.67 16.09
C GLN A 22 14.88 20.31 16.94
N LEU A 23 14.66 20.20 18.23
CA LEU A 23 15.53 20.75 19.25
C LEU A 23 16.97 20.25 19.15
N LEU A 24 17.15 19.00 18.70
CA LEU A 24 18.50 18.46 18.55
C LEU A 24 19.10 18.74 17.15
N VAL A 25 18.22 18.88 16.16
CA VAL A 25 18.64 19.19 14.78
C VAL A 25 18.51 20.72 14.73
N ALA A 26 17.43 21.16 14.09
CA ALA A 26 17.11 22.58 13.92
C ALA A 26 15.59 22.61 13.76
N LEU A 27 14.95 23.46 14.43
N ASP A 32 24.99 17.58 7.41
CA ASP A 32 25.07 16.13 7.78
C ASP A 32 23.89 15.60 8.64
N ILE A 33 22.93 16.46 9.01
CA ILE A 33 21.78 16.04 9.81
C ILE A 33 20.55 16.80 9.27
N VAL A 34 19.52 16.07 8.87
CA VAL A 34 18.30 16.67 8.32
C VAL A 34 17.07 16.22 9.09
N TYR A 35 16.12 17.13 9.22
CA TYR A 35 14.91 16.84 9.94
C TYR A 35 13.70 16.80 9.02
N VAL A 36 13.07 15.63 8.93
CA VAL A 36 11.90 15.46 8.09
C VAL A 36 10.72 15.47 9.02
N PRO A 37 9.98 16.57 9.05
CA PRO A 37 8.79 16.84 9.85
C PRO A 37 7.53 16.09 9.46
N GLU A 38 6.45 16.34 10.22
CA GLU A 38 5.16 15.74 9.97
C GLU A 38 4.59 16.49 8.78
N PRO A 39 4.05 15.77 7.80
CA PRO A 39 3.48 16.44 6.63
C PRO A 39 2.19 17.22 6.92
N MET A 40 2.22 18.04 7.95
CA MET A 40 1.03 18.80 8.33
C MET A 40 0.33 19.52 7.17
N THR A 41 1.10 20.17 6.29
CA THR A 41 0.48 20.87 5.17
C THR A 41 -0.29 19.93 4.26
N TYR A 42 0.21 18.69 4.10
CA TYR A 42 -0.46 17.69 3.25
C TYR A 42 -1.74 17.25 3.93
N TRP A 43 -1.65 17.04 5.23
CA TRP A 43 -2.80 16.66 6.03
C TRP A 43 -3.90 17.73 6.02
N ARG A 44 -3.53 18.99 6.23
CA ARG A 44 -4.49 20.10 6.26
C ARG A 44 -5.00 20.63 4.94
N VAL A 45 -4.11 20.70 3.97
CA VAL A 45 -4.45 21.26 2.65
C VAL A 45 -4.17 20.38 1.44
N LEU A 46 -2.89 20.04 1.21
CA LEU A 46 -2.51 19.23 0.03
C LEU A 46 -3.29 17.96 -0.36
N GLY A 47 -3.39 16.98 0.53
CA GLY A 47 -4.08 15.73 0.18
C GLY A 47 -5.58 15.79 0.32
N ALA A 48 -6.01 16.62 1.27
CA ALA A 48 -7.41 16.83 1.60
C ALA A 48 -7.40 17.98 2.59
N SER A 49 -8.58 18.42 3.02
CA SER A 49 -8.64 19.51 4.00
C SER A 49 -8.98 19.08 5.42
N GLU A 50 -8.12 19.51 6.34
CA GLU A 50 -8.29 19.23 7.77
C GLU A 50 -8.51 17.76 8.07
N THR A 51 -7.61 16.92 7.60
CA THR A 51 -7.73 15.50 7.81
C THR A 51 -7.80 15.23 9.30
N ILE A 52 -6.91 15.88 10.06
CA ILE A 52 -6.88 15.69 11.50
C ILE A 52 -8.25 15.97 12.11
N ALA A 53 -8.75 17.18 11.86
CA ALA A 53 -10.05 17.60 12.35
C ALA A 53 -11.09 16.54 11.99
N ASN A 54 -11.00 16.05 10.75
CA ASN A 54 -11.92 15.04 10.21
C ASN A 54 -11.91 13.76 11.05
N ILE A 55 -10.71 13.30 11.39
CA ILE A 55 -10.50 12.10 12.19
C ILE A 55 -11.12 12.26 13.59
N TYR A 56 -10.72 13.31 14.29
CA TYR A 56 -11.23 13.57 15.63
C TYR A 56 -12.73 13.89 15.68
N THR A 57 -13.29 14.41 14.59
CA THR A 57 -14.72 14.73 14.52
C THR A 57 -15.57 13.45 14.30
N THR A 58 -15.13 12.62 13.36
CA THR A 58 -15.83 11.38 13.06
C THR A 58 -15.93 10.55 14.33
N GLN A 59 -14.81 10.36 15.02
CA GLN A 59 -14.84 9.58 16.25
C GLN A 59 -15.90 10.13 17.18
N HIS A 60 -15.85 11.45 17.43
CA HIS A 60 -16.82 12.08 18.31
C HIS A 60 -18.27 11.87 17.87
N ARG A 61 -18.57 11.98 16.58
CA ARG A 61 -19.94 11.76 16.14
C ARG A 61 -20.32 10.30 16.41
N LEU A 62 -19.42 9.39 16.12
CA LEU A 62 -19.67 7.98 16.38
C LEU A 62 -19.83 7.79 17.90
N ASP A 63 -18.88 8.30 18.67
CA ASP A 63 -18.92 8.23 20.12
C ASP A 63 -20.28 8.66 20.65
N GLN A 64 -20.81 9.73 20.06
CA GLN A 64 -22.09 10.31 20.46
C GLN A 64 -23.31 9.67 19.82
N GLY A 65 -23.09 8.59 19.10
CA GLY A 65 -24.20 7.91 18.44
C GLY A 65 -24.74 8.62 17.23
N GLU A 66 -24.00 9.59 16.71
CA GLU A 66 -24.48 10.33 15.56
C GLU A 66 -24.29 9.58 14.23
N ILE A 67 -23.32 8.69 14.17
CA ILE A 67 -23.14 7.91 12.96
C ILE A 67 -22.99 6.46 13.39
N SER A 68 -23.00 5.55 12.41
CA SER A 68 -22.86 4.12 12.69
C SER A 68 -21.41 3.79 12.67
N ALA A 69 -21.06 2.66 13.26
CA ALA A 69 -19.67 2.26 13.28
C ALA A 69 -19.08 2.10 11.88
N GLY A 70 -19.93 1.79 10.90
CA GLY A 70 -19.49 1.61 9.53
C GLY A 70 -19.25 2.91 8.80
N ASP A 71 -19.98 3.97 9.15
CA ASP A 71 -19.77 5.28 8.53
C ASP A 71 -18.44 5.81 9.04
N ALA A 72 -18.24 5.66 10.35
CA ALA A 72 -17.00 6.10 10.99
C ALA A 72 -15.84 5.36 10.33
N ALA A 73 -16.11 4.16 9.84
CA ALA A 73 -15.08 3.32 9.23
C ALA A 73 -14.67 3.71 7.83
N VAL A 74 -15.61 4.13 6.97
CA VAL A 74 -15.19 4.53 5.63
C VAL A 74 -14.40 5.82 5.76
N VAL A 75 -14.92 6.74 6.55
CA VAL A 75 -14.21 7.99 6.74
C VAL A 75 -12.86 7.74 7.39
N MET A 76 -12.84 6.92 8.44
CA MET A 76 -11.59 6.64 9.13
C MET A 76 -10.54 6.00 8.20
N THR A 77 -10.94 4.99 7.43
CA THR A 77 -10.05 4.31 6.49
C THR A 77 -9.49 5.27 5.44
N SER A 78 -10.38 6.06 4.86
CA SER A 78 -10.04 7.04 3.86
C SER A 78 -9.04 8.04 4.42
N ALA A 79 -9.32 8.56 5.61
CA ALA A 79 -8.46 9.52 6.27
C ALA A 79 -7.09 8.96 6.52
N GLN A 80 -7.00 7.69 6.94
CA GLN A 80 -5.72 7.07 7.20
C GLN A 80 -4.89 6.87 5.94
N ILE A 81 -5.56 6.87 4.78
CA ILE A 81 -4.89 6.76 3.48
C ILE A 81 -4.19 8.12 3.23
N THR A 82 -4.91 9.20 3.50
CA THR A 82 -4.36 10.53 3.34
C THR A 82 -3.22 10.78 4.31
N MET A 83 -3.39 10.32 5.54
CA MET A 83 -2.38 10.50 6.57
C MET A 83 -0.99 9.96 6.31
N GLY A 84 -0.87 8.76 5.72
CA GLY A 84 0.44 8.19 5.49
C GLY A 84 0.97 8.27 4.08
N MET A 85 0.29 9.01 3.19
CA MET A 85 0.67 9.18 1.79
C MET A 85 2.09 9.72 1.64
N PRO A 86 2.43 10.81 2.37
CA PRO A 86 3.79 11.36 2.27
C PRO A 86 4.86 10.37 2.74
N TYR A 87 4.48 9.48 3.65
CA TYR A 87 5.36 8.47 4.20
C TYR A 87 5.55 7.35 3.21
N ALA A 88 4.46 6.91 2.59
CA ALA A 88 4.58 5.87 1.59
C ALA A 88 5.46 6.34 0.43
N VAL A 89 5.24 7.54 -0.12
CA VAL A 89 6.12 7.95 -1.22
C VAL A 89 7.54 8.18 -0.78
N THR A 90 7.73 8.71 0.42
CA THR A 90 9.11 8.94 0.89
C THR A 90 9.88 7.65 1.00
N ASP A 91 9.26 6.62 1.55
CA ASP A 91 9.95 5.35 1.68
C ASP A 91 10.24 4.81 0.30
N ALA A 92 9.23 4.86 -0.57
CA ALA A 92 9.31 4.33 -1.93
C ALA A 92 10.44 4.94 -2.75
N VAL A 93 10.65 6.25 -2.62
CA VAL A 93 11.68 6.94 -3.38
C VAL A 93 13.06 6.76 -2.77
N LEU A 94 13.08 6.62 -1.45
CA LEU A 94 14.30 6.45 -0.69
C LEU A 94 14.83 5.00 -0.83
N ALA A 95 13.92 4.03 -0.91
CA ALA A 95 14.28 2.62 -1.01
C ALA A 95 15.50 2.24 -1.90
N PRO A 96 15.54 2.71 -3.16
CA PRO A 96 16.66 2.40 -4.06
C PRO A 96 18.04 2.90 -3.67
N HIS A 97 18.09 3.96 -2.88
CA HIS A 97 19.35 4.54 -2.46
C HIS A 97 19.98 3.81 -1.30
N ILE A 98 19.16 3.13 -0.51
CA ILE A 98 19.62 2.39 0.66
C ILE A 98 20.32 1.09 0.31
N GLY A 99 21.52 0.90 0.83
CA GLY A 99 22.24 -0.33 0.58
C GLY A 99 22.25 -1.14 1.85
N GLY A 100 23.22 -2.03 1.98
CA GLY A 100 23.31 -2.85 3.17
C GLY A 100 23.91 -2.09 4.34
N GLU A 101 23.72 -2.67 5.52
CA GLU A 101 24.21 -2.09 6.77
C GLU A 101 25.71 -1.76 6.74
N ALA A 102 26.07 -0.63 7.32
CA ALA A 102 27.46 -0.20 7.39
C ALA A 102 28.04 -1.09 8.45
N GLY A 103 29.27 -1.57 8.26
CA GLY A 103 29.90 -2.43 9.26
C GLY A 103 29.71 -1.72 10.60
N SER A 104 28.67 -2.13 11.33
CA SER A 104 28.25 -1.53 12.61
C SER A 104 28.58 -2.28 13.93
N SER A 105 27.67 -2.36 14.82
N ALA A 107 31.19 1.29 12.14
CA ALA A 107 30.74 2.23 11.06
C ALA A 107 31.39 3.62 11.31
N PRO A 108 31.60 4.42 10.24
CA PRO A 108 32.21 5.75 10.36
C PRO A 108 31.09 6.76 10.67
N PRO A 109 31.44 8.04 10.91
CA PRO A 109 30.33 8.97 11.17
C PRO A 109 29.54 8.93 9.89
N PRO A 110 28.21 8.83 9.97
CA PRO A 110 27.47 8.78 8.72
C PRO A 110 27.59 10.06 7.94
N ALA A 111 27.62 9.94 6.63
CA ALA A 111 27.73 11.10 5.78
C ALA A 111 26.44 11.91 5.94
N LEU A 112 25.36 11.25 6.37
CA LEU A 112 24.06 11.90 6.53
C LEU A 112 23.15 11.24 7.58
N THR A 113 22.43 12.07 8.33
CA THR A 113 21.50 11.58 9.34
C THR A 113 20.15 12.14 9.05
N LEU A 114 19.18 11.26 8.86
CA LEU A 114 17.84 11.69 8.59
C LEU A 114 17.02 11.54 9.86
N ILE A 115 16.38 12.61 10.31
CA ILE A 115 15.51 12.53 11.48
C ILE A 115 14.11 12.65 10.93
N PHE A 116 13.45 11.49 10.83
CA PHE A 116 12.08 11.40 10.32
C PHE A 116 11.13 11.53 11.48
N ASP A 117 10.15 12.39 11.35
CA ASP A 117 9.15 12.54 12.39
C ASP A 117 8.05 11.54 12.01
N ARG A 118 8.18 10.33 12.56
CA ARG A 118 7.32 9.16 12.37
C ARG A 118 7.70 8.28 11.14
N HIS A 119 7.35 6.99 11.22
CA HIS A 119 7.62 6.01 10.18
C HIS A 119 6.29 5.60 9.51
N PRO A 120 6.33 5.00 8.31
CA PRO A 120 5.12 4.57 7.62
C PRO A 120 4.17 3.72 8.47
N ILE A 121 4.68 2.91 9.41
CA ILE A 121 3.83 2.06 10.26
C ILE A 121 2.84 2.78 11.18
N ALA A 122 3.08 4.05 11.48
CA ALA A 122 2.15 4.82 12.34
C ALA A 122 0.81 4.93 11.62
N ALA A 123 0.87 5.36 10.35
CA ALA A 123 -0.32 5.51 9.52
C ALA A 123 -0.83 4.19 8.94
N LEU A 124 0.08 3.25 8.68
CA LEU A 124 -0.29 1.96 8.12
C LEU A 124 -0.53 0.85 9.13
N LEU A 125 -0.17 1.06 10.38
CA LEU A 125 -0.41 0.02 11.35
C LEU A 125 -0.90 0.53 12.69
N CYS A 126 -0.17 1.45 13.28
CA CYS A 126 -0.50 1.92 14.62
C CYS A 126 -1.80 2.68 14.78
N TYR A 127 -1.97 3.75 14.01
CA TYR A 127 -3.21 4.47 14.13
C TYR A 127 -4.40 3.66 13.67
N PRO A 128 -4.27 2.89 12.58
CA PRO A 128 -5.41 2.08 12.14
C PRO A 128 -5.80 1.09 13.25
N ALA A 129 -4.80 0.50 13.92
CA ALA A 129 -5.07 -0.44 15.01
C ALA A 129 -5.80 0.24 16.16
N ALA A 130 -5.34 1.45 16.50
CA ALA A 130 -5.94 2.23 17.58
C ALA A 130 -7.39 2.49 17.28
N ARG A 131 -7.69 2.91 16.05
CA ARG A 131 -9.06 3.21 15.66
C ARG A 131 -10.00 2.02 15.67
N TYR A 132 -9.47 0.82 15.41
CA TYR A 132 -10.27 -0.40 15.44
C TYR A 132 -10.55 -0.62 16.93
N LEU A 133 -9.52 -0.41 17.74
CA LEU A 133 -9.67 -0.59 19.19
C LEU A 133 -10.66 0.44 19.69
N MET A 134 -10.89 1.49 18.91
CA MET A 134 -11.84 2.54 19.24
C MET A 134 -13.21 2.27 18.61
N GLY A 135 -13.31 1.15 17.90
CA GLY A 135 -14.57 0.79 17.26
C GLY A 135 -14.83 1.54 15.96
N SER A 136 -13.82 2.21 15.41
CA SER A 136 -14.02 2.96 14.17
C SER A 136 -13.23 2.49 12.93
N MET A 137 -12.69 1.28 12.97
CA MET A 137 -12.00 0.73 11.80
C MET A 137 -12.14 -0.77 11.87
N THR A 138 -12.41 -1.39 10.73
CA THR A 138 -12.58 -2.83 10.66
C THR A 138 -11.22 -3.45 10.75
N PRO A 139 -11.12 -4.61 11.43
CA PRO A 139 -9.84 -5.31 11.57
C PRO A 139 -9.33 -5.76 10.20
N GLN A 140 -10.23 -5.87 9.23
CA GLN A 140 -9.87 -6.21 7.87
C GLN A 140 -9.24 -5.00 7.17
N ALA A 141 -9.70 -3.80 7.48
CA ALA A 141 -9.10 -2.61 6.89
C ALA A 141 -7.70 -2.48 7.43
N VAL A 142 -7.57 -2.72 8.71
CA VAL A 142 -6.28 -2.64 9.36
C VAL A 142 -5.36 -3.63 8.66
N LEU A 143 -5.81 -4.87 8.52
CA LEU A 143 -5.02 -5.91 7.87
C LEU A 143 -4.68 -5.60 6.40
N ALA A 144 -5.47 -4.74 5.75
CA ALA A 144 -5.18 -4.30 4.38
C ALA A 144 -3.99 -3.31 4.43
N PHE A 145 -3.98 -2.46 5.46
CA PHE A 145 -2.88 -1.50 5.62
C PHE A 145 -1.57 -2.25 5.88
N VAL A 146 -1.62 -3.28 6.72
CA VAL A 146 -0.46 -4.12 7.05
C VAL A 146 0.13 -4.80 5.80
N ALA A 147 -0.72 -5.37 4.97
CA ALA A 147 -0.34 -6.02 3.72
C ALA A 147 0.39 -5.07 2.75
N LEU A 148 0.08 -3.78 2.85
CA LEU A 148 0.69 -2.77 2.00
C LEU A 148 1.93 -2.14 2.62
N ILE A 149 2.31 -2.58 3.82
CA ILE A 149 3.53 -2.06 4.47
C ILE A 149 4.76 -2.44 3.65
N PRO A 150 5.55 -1.43 3.24
CA PRO A 150 6.76 -1.63 2.45
C PRO A 150 7.79 -2.53 3.13
N PRO A 151 8.57 -3.31 2.34
CA PRO A 151 9.56 -4.17 2.95
C PRO A 151 10.50 -3.29 3.80
N THR A 152 10.87 -3.79 4.98
CA THR A 152 11.73 -3.05 5.90
C THR A 152 13.19 -2.95 5.43
N LEU A 153 13.53 -1.79 4.86
CA LEU A 153 14.87 -1.54 4.37
C LEU A 153 15.83 -1.74 5.52
N PRO A 154 17.08 -2.06 5.21
CA PRO A 154 18.02 -2.24 6.32
C PRO A 154 18.26 -0.90 6.95
N GLY A 155 18.62 -0.91 8.23
CA GLY A 155 18.90 0.32 8.93
C GLY A 155 17.69 1.10 9.42
N THR A 156 16.56 0.43 9.56
CA THR A 156 15.36 1.10 10.05
C THR A 156 15.35 1.14 11.57
N ASN A 157 15.72 2.31 12.13
CA ASN A 157 15.79 2.54 13.58
C ASN A 157 14.61 3.39 13.95
N ILE A 158 13.74 2.82 14.78
CA ILE A 158 12.52 3.47 15.23
C ILE A 158 12.75 3.78 16.71
N VAL A 159 12.59 5.04 17.11
CA VAL A 159 12.72 5.41 18.51
C VAL A 159 11.29 5.61 19.00
N LEU A 160 10.85 4.75 19.91
CA LEU A 160 9.49 4.85 20.44
C LEU A 160 9.62 5.58 21.76
N GLY A 161 8.55 6.20 22.23
CA GLY A 161 8.67 6.93 23.47
C GLY A 161 8.04 6.32 24.70
N ALA A 162 8.64 6.63 25.85
CA ALA A 162 8.17 6.18 27.18
C ALA A 162 7.83 7.40 28.04
N LEU A 163 6.60 7.45 28.58
CA LEU A 163 6.14 8.55 29.45
C LEU A 163 4.91 8.11 30.27
N PRO A 164 4.90 8.31 31.62
CA PRO A 164 3.74 7.91 32.45
C PRO A 164 2.43 8.44 31.88
N GLU A 165 1.33 7.75 32.09
CA GLU A 165 0.09 8.23 31.49
C GLU A 165 -0.37 9.65 31.85
N ASP A 166 -0.46 9.94 33.15
CA ASP A 166 -0.93 11.23 33.62
C ASP A 166 0.00 12.37 33.21
N ARG A 167 1.30 12.07 33.12
CA ARG A 167 2.31 13.05 32.70
C ARG A 167 2.04 13.33 31.21
N HIS A 168 1.79 12.26 30.46
CA HIS A 168 1.50 12.33 29.02
C HIS A 168 0.18 13.06 28.77
N ILE A 169 -0.82 12.83 29.64
CA ILE A 169 -2.10 13.54 29.51
C ILE A 169 -1.82 15.04 29.70
N ASP A 170 -0.95 15.37 30.66
CA ASP A 170 -0.58 16.75 30.93
C ASP A 170 0.08 17.34 29.70
N ARG A 171 1.09 16.65 29.20
CA ARG A 171 1.82 17.07 28.00
C ARG A 171 0.91 17.13 26.75
N LEU A 172 0.00 16.17 26.61
CA LEU A 172 -0.89 16.13 25.47
C LEU A 172 -1.90 17.27 25.49
N ALA A 173 -2.23 17.77 26.68
CA ALA A 173 -3.20 18.85 26.77
C ALA A 173 -2.80 19.95 25.80
N LYS A 174 -1.49 20.07 25.53
CA LYS A 174 -0.96 21.09 24.59
C LYS A 174 -0.62 20.67 23.16
N ARG A 175 -0.13 19.45 22.95
CA ARG A 175 0.20 18.96 21.59
C ARG A 175 -1.08 18.57 20.90
N GLN A 176 -1.96 19.54 20.76
CA GLN A 176 -3.26 19.34 20.16
C GLN A 176 -3.42 19.85 18.72
N ARG A 177 -2.78 19.14 17.76
CA ARG A 177 -2.80 19.48 16.32
C ARG A 177 -4.15 20.14 15.89
N PRO A 178 -4.11 21.04 14.88
CA PRO A 178 -5.32 21.72 14.42
C PRO A 178 -6.56 20.86 14.26
N GLY A 179 -7.59 21.15 15.07
CA GLY A 179 -8.82 20.40 15.00
C GLY A 179 -8.86 19.11 15.80
N GLU A 180 -8.01 19.01 16.83
CA GLU A 180 -7.92 17.82 17.69
C GLU A 180 -8.91 17.89 18.87
N ARG A 181 -9.25 16.70 19.39
CA ARG A 181 -10.12 16.52 20.56
C ARG A 181 -9.32 15.74 21.60
N LEU A 182 -9.30 16.23 22.83
CA LEU A 182 -8.56 15.56 23.91
C LEU A 182 -9.36 14.29 24.28
N ASP A 183 -9.13 13.22 23.53
CA ASP A 183 -9.80 11.94 23.70
C ASP A 183 -8.88 11.03 24.49
N LEU A 184 -9.13 10.82 25.76
CA LEU A 184 -8.24 9.98 26.57
C LEU A 184 -8.29 8.48 26.28
N ALA A 185 -9.40 8.04 25.71
CA ALA A 185 -9.57 6.63 25.32
C ALA A 185 -8.66 6.35 24.12
N MET A 186 -8.59 7.30 23.20
CA MET A 186 -7.72 7.20 22.04
C MET A 186 -6.27 7.23 22.53
N LEU A 187 -6.00 8.05 23.53
CA LEU A 187 -4.67 8.13 24.10
C LEU A 187 -4.31 6.78 24.70
N ALA A 188 -5.27 6.13 25.34
CA ALA A 188 -5.08 4.82 25.95
C ALA A 188 -4.90 3.78 24.86
N ALA A 189 -5.79 3.79 23.87
CA ALA A 189 -5.72 2.91 22.72
C ALA A 189 -4.39 3.04 22.02
N ILE A 190 -3.99 4.26 21.68
CA ILE A 190 -2.73 4.47 21.00
C ILE A 190 -1.52 4.12 21.87
N ARG A 191 -1.57 4.42 23.16
CA ARG A 191 -0.46 4.04 24.03
C ARG A 191 -0.38 2.50 24.02
N ARG A 192 -1.53 1.83 24.14
CA ARG A 192 -1.56 0.37 24.15
C ARG A 192 -1.01 -0.19 22.85
N VAL A 193 -1.46 0.38 21.74
CA VAL A 193 -1.00 -0.05 20.43
C VAL A 193 0.52 0.10 20.34
N TYR A 194 1.09 1.26 20.68
CA TYR A 194 2.54 1.39 20.60
C TYR A 194 3.24 0.50 21.59
N GLY A 195 2.55 0.14 22.66
CA GLY A 195 3.10 -0.77 23.67
C GLY A 195 3.22 -2.19 23.12
N LEU A 196 2.12 -2.72 22.61
CA LEU A 196 2.09 -4.06 22.00
C LEU A 196 3.18 -4.17 20.96
N LEU A 197 3.33 -3.13 20.14
CA LEU A 197 4.36 -3.05 19.08
C LEU A 197 5.80 -3.22 19.58
N ALA A 198 6.15 -2.56 20.68
CA ALA A 198 7.50 -2.69 21.22
C ALA A 198 7.65 -4.15 21.64
N ASN A 199 6.58 -4.71 22.19
CA ASN A 199 6.53 -6.11 22.61
C ASN A 199 6.60 -7.09 21.46
N THR A 200 5.93 -6.75 20.35
CA THR A 200 5.93 -7.63 19.17
C THR A 200 7.29 -7.73 18.53
N VAL A 201 8.00 -6.62 18.47
CA VAL A 201 9.33 -6.59 17.86
C VAL A 201 10.27 -7.49 18.61
N ARG A 202 10.18 -7.47 19.94
CA ARG A 202 11.03 -8.30 20.81
C ARG A 202 10.66 -9.79 20.68
N TYR A 203 9.37 -10.04 20.74
CA TYR A 203 8.85 -11.38 20.61
C TYR A 203 9.37 -11.99 19.32
N LEU A 204 9.32 -11.20 18.25
CA LEU A 204 9.80 -11.62 16.94
C LEU A 204 11.31 -11.79 16.89
N GLN A 205 12.02 -10.82 17.44
CA GLN A 205 13.47 -10.88 17.46
C GLN A 205 13.97 -12.01 18.39
N CYS A 206 13.16 -12.41 19.36
CA CYS A 206 13.55 -13.51 20.24
C CYS A 206 13.11 -14.87 19.72
N GLY A 207 12.63 -14.92 18.48
CA GLY A 207 12.24 -16.19 17.91
C GLY A 207 10.78 -16.59 18.06
N GLY A 208 9.91 -15.67 18.43
CA GLY A 208 8.51 -16.02 18.56
C GLY A 208 7.80 -16.28 17.24
N SER A 209 7.03 -17.37 17.18
CA SER A 209 6.27 -17.74 16.00
C SER A 209 4.77 -17.57 16.32
N TRP A 210 4.14 -16.55 15.73
CA TRP A 210 2.73 -16.28 15.97
C TRP A 210 1.83 -17.48 15.70
N ARG A 211 2.12 -18.20 14.61
CA ARG A 211 1.33 -19.39 14.22
C ARG A 211 1.40 -20.52 15.24
N GLU A 212 2.52 -20.63 15.93
CA GLU A 212 2.68 -21.68 16.91
C GLU A 212 2.13 -21.26 18.26
N ASP A 213 2.11 -19.95 18.51
CA ASP A 213 1.62 -19.35 19.74
C ASP A 213 0.15 -18.97 19.68
N TRP A 214 -0.42 -18.95 18.48
CA TRP A 214 -1.82 -18.59 18.31
C TRP A 214 -2.77 -19.25 19.29
N GLY A 215 -2.39 -20.44 19.75
CA GLY A 215 -3.18 -21.21 20.69
C GLY A 215 -3.75 -20.54 21.93
N GLN A 216 -3.52 -19.24 22.11
CA GLN A 216 -4.05 -18.47 23.25
C GLN A 216 -5.04 -17.38 22.81
N LEU A 217 -4.62 -16.37 22.18
N PRO A 235 13.95 -15.19 27.76
CA PRO A 235 12.52 -15.49 27.41
C PRO A 235 11.99 -14.46 26.40
N ARG A 236 10.67 -14.33 26.32
CA ARG A 236 10.04 -13.38 25.41
C ARG A 236 8.60 -13.10 25.82
N PRO A 237 8.04 -11.96 25.39
CA PRO A 237 6.65 -11.62 25.74
C PRO A 237 5.66 -12.73 25.32
N HIS A 238 4.57 -12.86 26.08
CA HIS A 238 3.53 -13.85 25.75
C HIS A 238 2.83 -13.29 24.49
N ILE A 239 2.39 -14.15 23.57
CA ILE A 239 1.72 -13.65 22.38
C ILE A 239 0.56 -12.74 22.76
N GLY A 240 -0.02 -12.97 23.93
CA GLY A 240 -1.13 -12.18 24.41
C GLY A 240 -0.77 -10.73 24.67
N ASP A 241 0.53 -10.43 24.64
CA ASP A 241 1.06 -9.07 24.87
C ASP A 241 1.75 -8.54 23.61
N THR A 242 1.27 -8.95 22.45
CA THR A 242 1.84 -8.49 21.19
C THR A 242 0.65 -8.01 20.31
N LEU A 243 0.93 -7.47 19.12
CA LEU A 243 -0.14 -7.02 18.24
C LEU A 243 -0.96 -8.16 17.74
N PHE A 244 -0.38 -9.36 17.71
CA PHE A 244 -1.13 -10.51 17.23
C PHE A 244 -2.44 -10.69 18.00
N THR A 245 -2.50 -10.26 19.26
CA THR A 245 -3.76 -10.38 20.04
C THR A 245 -4.93 -9.60 19.47
N LEU A 246 -4.62 -8.46 18.84
CA LEU A 246 -5.65 -7.60 18.27
C LEU A 246 -6.41 -8.32 17.17
N PHE A 247 -5.72 -9.23 16.48
CA PHE A 247 -6.33 -9.94 15.36
C PHE A 247 -7.04 -11.23 15.66
N ARG A 248 -7.39 -11.43 16.92
CA ARG A 248 -8.18 -12.57 17.29
C ARG A 248 -9.58 -11.95 17.21
N ALA A 249 -9.81 -11.14 16.18
CA ALA A 249 -11.08 -10.48 16.00
C ALA A 249 -12.07 -11.45 15.36
N PRO A 250 -13.30 -11.48 15.91
CA PRO A 250 -14.33 -12.39 15.39
C PRO A 250 -14.52 -12.23 13.88
N GLU A 251 -14.38 -11.02 13.37
CA GLU A 251 -14.54 -10.75 11.95
C GLU A 251 -13.51 -11.49 11.12
N LEU A 252 -12.38 -11.80 11.73
CA LEU A 252 -11.30 -12.47 11.02
C LEU A 252 -11.37 -14.00 11.11
N LEU A 253 -12.37 -14.53 11.79
CA LEU A 253 -12.46 -15.96 11.99
C LEU A 253 -13.53 -16.75 11.25
N ALA A 254 -13.17 -17.97 10.84
CA ALA A 254 -14.11 -18.85 10.17
C ALA A 254 -15.07 -19.35 11.23
N PRO A 255 -16.26 -19.78 10.83
CA PRO A 255 -17.27 -20.28 11.75
C PRO A 255 -16.72 -21.34 12.72
N ASN A 256 -15.57 -21.92 12.38
CA ASN A 256 -14.93 -22.91 13.21
C ASN A 256 -13.86 -22.28 14.10
N GLY A 257 -13.74 -20.96 14.06
CA GLY A 257 -12.76 -20.30 14.89
C GLY A 257 -11.41 -20.16 14.25
N ASP A 258 -11.21 -20.82 13.11
CA ASP A 258 -9.92 -20.73 12.46
C ASP A 258 -9.79 -19.41 11.74
N LEU A 259 -8.60 -18.81 11.86
CA LEU A 259 -8.27 -17.55 11.21
C LEU A 259 -8.33 -17.90 9.72
N TYR A 260 -8.88 -17.01 8.92
CA TYR A 260 -8.89 -17.25 7.48
C TYR A 260 -7.45 -17.09 7.02
N ASN A 261 -7.09 -17.85 5.99
CA ASN A 261 -5.72 -17.80 5.47
C ASN A 261 -5.30 -16.41 5.02
N VAL A 262 -6.23 -15.66 4.41
CA VAL A 262 -5.91 -14.29 3.95
C VAL A 262 -5.35 -13.49 5.09
N PHE A 263 -6.06 -13.53 6.21
CA PHE A 263 -5.69 -12.79 7.41
C PHE A 263 -4.43 -13.35 8.01
N ALA A 264 -4.28 -14.67 8.01
CA ALA A 264 -3.06 -15.28 8.54
C ALA A 264 -1.86 -14.87 7.69
N TRP A 265 -2.03 -14.75 6.37
CA TRP A 265 -0.90 -14.33 5.54
C TRP A 265 -0.55 -12.87 5.85
N ALA A 266 -1.55 -12.10 6.27
CA ALA A 266 -1.32 -10.71 6.62
C ALA A 266 -0.51 -10.64 7.92
N LEU A 267 -0.68 -11.62 8.81
CA LEU A 267 0.04 -11.66 10.06
C LEU A 267 1.48 -12.11 9.81
N ASP A 268 1.68 -12.87 8.73
CA ASP A 268 3.01 -13.29 8.33
C ASP A 268 3.79 -12.07 7.84
N VAL A 269 3.12 -11.19 7.11
CA VAL A 269 3.71 -9.95 6.60
C VAL A 269 4.07 -9.04 7.77
N LEU A 270 3.12 -8.78 8.66
CA LEU A 270 3.36 -7.95 9.86
C LEU A 270 4.61 -8.48 10.57
N ALA A 271 4.70 -9.80 10.68
CA ALA A 271 5.81 -10.46 11.35
C ALA A 271 7.17 -10.23 10.68
N LYS A 272 7.24 -10.30 9.35
CA LYS A 272 8.54 -10.08 8.69
C LYS A 272 8.91 -8.61 8.54
N ARG A 273 7.92 -7.73 8.57
CA ARG A 273 8.19 -6.29 8.47
C ARG A 273 8.72 -5.76 9.83
N LEU A 274 8.16 -6.25 10.94
CA LEU A 274 8.56 -5.79 12.27
C LEU A 274 9.84 -6.39 12.83
N ARG A 275 10.13 -7.63 12.45
CA ARG A 275 11.33 -8.30 12.97
C ARG A 275 12.67 -7.70 12.59
N SER A 276 12.71 -6.89 11.55
CA SER A 276 13.98 -6.32 11.13
C SER A 276 14.17 -4.87 11.49
N MET A 277 13.17 -4.30 12.15
CA MET A 277 13.22 -2.93 12.58
C MET A 277 13.99 -2.83 13.85
N HIS A 278 14.82 -1.78 13.96
CA HIS A 278 15.64 -1.58 15.15
C HIS A 278 14.93 -0.60 16.07
N VAL A 279 14.50 -1.11 17.22
CA VAL A 279 13.77 -0.32 18.20
C VAL A 279 14.61 0.22 19.36
N PHE A 280 14.37 1.49 19.70
CA PHE A 280 15.06 2.14 20.81
C PHE A 280 13.98 2.92 21.55
N ILE A 281 14.14 3.01 22.87
CA ILE A 281 13.20 3.72 23.75
C ILE A 281 13.72 5.07 24.26
N LEU A 282 12.87 6.09 24.16
CA LEU A 282 13.21 7.43 24.62
C LEU A 282 12.23 7.80 25.72
N ASP A 283 12.73 7.90 26.96
CA ASP A 283 11.88 8.28 28.09
C ASP A 283 11.66 9.78 27.95
N TYR A 284 10.40 10.17 27.75
CA TYR A 284 10.08 11.57 27.59
C TYR A 284 9.85 12.24 28.91
N ASP A 285 9.81 11.47 30.00
CA ASP A 285 9.60 12.08 31.29
C ASP A 285 10.82 12.89 31.72
N GLN A 286 11.14 13.93 30.97
CA GLN A 286 12.27 14.77 31.28
C GLN A 286 12.32 16.09 30.50
N SER A 287 13.29 16.93 30.85
CA SER A 287 13.46 18.24 30.21
C SER A 287 13.80 18.15 28.74
N PRO A 288 13.37 19.14 27.95
CA PRO A 288 13.63 19.18 26.50
C PRO A 288 15.07 18.90 26.16
N ALA A 289 15.99 19.52 26.86
CA ALA A 289 17.41 19.30 26.59
C ALA A 289 17.71 17.88 26.97
N GLY A 290 17.01 17.43 28.01
CA GLY A 290 17.15 16.07 28.51
C GLY A 290 16.67 15.06 27.51
N CYS A 291 15.42 15.18 27.07
CA CYS A 291 14.88 14.26 26.07
C CYS A 291 15.83 14.31 24.87
N ARG A 292 16.19 15.53 24.49
CA ARG A 292 17.09 15.76 23.35
C ARG A 292 18.46 15.11 23.51
N ASP A 293 19.05 15.25 24.70
CA ASP A 293 20.35 14.61 24.97
C ASP A 293 20.23 13.12 24.82
N ALA A 294 19.24 12.55 25.51
CA ALA A 294 18.96 11.13 25.48
C ALA A 294 18.92 10.58 24.07
N LEU A 295 18.19 11.29 23.20
CA LEU A 295 18.04 10.93 21.78
C LEU A 295 19.39 10.91 21.08
N LEU A 296 20.28 11.81 21.48
CA LEU A 296 21.60 11.86 20.90
C LEU A 296 22.35 10.64 21.45
N GLN A 297 21.99 10.18 22.65
CA GLN A 297 22.63 8.99 23.24
C GLN A 297 22.25 7.72 22.46
N LEU A 298 20.94 7.50 22.31
CA LEU A 298 20.43 6.33 21.59
C LEU A 298 21.08 6.12 20.24
N THR A 299 21.65 7.19 19.69
CA THR A 299 22.28 7.17 18.37
C THR A 299 23.42 6.19 18.16
N SER A 300 24.21 5.94 19.21
CA SER A 300 25.37 5.05 19.14
C SER A 300 25.11 3.57 18.92
N GLY A 301 23.87 3.14 19.11
CA GLY A 301 23.57 1.73 18.89
C GLY A 301 22.70 1.48 17.68
N MET A 302 22.49 2.52 16.88
CA MET A 302 21.64 2.45 15.71
C MET A 302 22.43 1.91 14.56
N VAL A 303 21.72 1.20 13.69
CA VAL A 303 22.32 0.62 12.50
C VAL A 303 22.28 1.60 11.33
N GLN A 304 23.44 1.85 10.75
CA GLN A 304 23.52 2.73 9.61
C GLN A 304 23.78 1.89 8.40
N THR A 305 23.62 2.51 7.24
CA THR A 305 23.77 1.76 6.02
C THR A 305 24.53 2.55 4.99
N HIS A 306 24.85 1.87 3.89
CA HIS A 306 25.51 2.49 2.77
C HIS A 306 24.46 2.98 1.83
N VAL A 307 24.84 3.95 1.01
CA VAL A 307 23.94 4.43 -0.01
C VAL A 307 24.35 3.63 -1.24
N THR A 308 23.47 3.53 -2.21
CA THR A 308 23.74 2.74 -3.41
C THR A 308 24.58 3.49 -4.44
N THR A 309 24.56 4.82 -4.38
CA THR A 309 25.30 5.62 -5.33
C THR A 309 26.11 6.80 -4.75
N PRO A 310 26.93 7.46 -5.61
CA PRO A 310 27.71 8.59 -5.11
C PRO A 310 26.71 9.71 -4.89
N GLY A 311 25.75 9.77 -5.81
CA GLY A 311 24.72 10.79 -5.77
C GLY A 311 23.58 10.56 -4.79
N SER A 312 23.63 9.45 -4.05
CA SER A 312 22.57 9.16 -3.09
C SER A 312 22.43 10.21 -1.98
N ILE A 313 23.54 10.55 -1.33
CA ILE A 313 23.53 11.54 -0.23
C ILE A 313 22.93 12.90 -0.65
N PRO A 314 23.40 13.48 -1.78
CA PRO A 314 22.86 14.77 -2.25
C PRO A 314 21.36 14.64 -2.57
N THR A 315 21.02 13.62 -3.36
CA THR A 315 19.64 13.36 -3.74
C THR A 315 18.71 13.06 -2.56
N ILE A 316 19.23 12.41 -1.51
CA ILE A 316 18.44 12.11 -0.30
C ILE A 316 18.28 13.40 0.50
N CYS A 317 19.39 14.13 0.63
CA CYS A 317 19.40 15.39 1.35
C CYS A 317 18.37 16.39 0.78
N ASP A 318 18.30 16.47 -0.53
CA ASP A 318 17.35 17.34 -1.26
C ASP A 318 15.89 16.89 -1.04
N LEU A 319 15.72 15.59 -1.05
CA LEU A 319 14.44 14.94 -0.85
C LEU A 319 13.91 15.41 0.48
N ALA A 320 14.72 15.19 1.51
CA ALA A 320 14.41 15.56 2.87
C ALA A 320 14.15 17.06 3.00
N ARG A 321 14.99 17.90 2.39
CA ARG A 321 14.80 19.37 2.44
C ARG A 321 13.56 19.86 1.70
N THR A 322 13.20 19.19 0.61
CA THR A 322 12.03 19.54 -0.19
C THR A 322 10.72 19.10 0.53
N PHE A 323 10.76 17.98 1.24
CA PHE A 323 9.61 17.46 1.99
C PHE A 323 9.32 18.47 3.11
N ALA A 324 10.35 18.81 3.88
CA ALA A 324 10.22 19.76 4.98
C ALA A 324 9.58 21.03 4.50
N ARG A 325 10.27 21.64 3.54
CA ARG A 325 9.90 22.89 2.89
C ARG A 325 8.47 22.90 2.39
N GLU A 326 8.10 21.85 1.67
CA GLU A 326 6.75 21.75 1.09
C GLU A 326 5.65 21.34 2.04
N MET A 327 5.94 20.36 2.88
CA MET A 327 4.90 19.86 3.76
C MET A 327 4.99 20.14 5.23
N GLY A 328 6.16 20.55 5.69
CA GLY A 328 6.34 20.89 7.09
C GLY A 328 5.46 22.07 7.45
N GLU A 329 4.90 22.07 8.67
CA GLU A 329 4.02 23.15 9.12
C GLU A 329 4.04 23.28 10.66
N MET B 1 17.89 -25.71 -10.67
CA MET B 1 17.13 -24.57 -10.07
C MET B 1 15.81 -24.40 -10.86
N PRO B 2 14.65 -24.73 -10.22
CA PRO B 2 13.32 -24.64 -10.86
C PRO B 2 13.00 -23.26 -11.38
N THR B 3 12.10 -23.20 -12.36
CA THR B 3 11.69 -21.91 -12.87
C THR B 3 10.19 -21.84 -12.73
N LEU B 4 9.70 -20.62 -12.55
CA LEU B 4 8.29 -20.35 -12.37
C LEU B 4 7.89 -19.41 -13.49
N LEU B 5 6.63 -19.50 -13.92
CA LEU B 5 6.10 -18.61 -14.93
C LEU B 5 4.82 -17.99 -14.32
N ARG B 6 4.82 -16.67 -14.16
CA ARG B 6 3.68 -15.94 -13.62
C ARG B 6 3.06 -15.14 -14.76
N VAL B 7 1.74 -15.20 -14.87
CA VAL B 7 1.04 -14.45 -15.90
C VAL B 7 -0.21 -13.89 -15.27
N TYR B 8 -0.35 -12.57 -15.35
CA TYR B 8 -1.51 -11.88 -14.79
C TYR B 8 -2.32 -11.43 -15.97
N ILE B 9 -3.56 -11.87 -16.04
CA ILE B 9 -4.40 -11.48 -17.13
C ILE B 9 -5.22 -10.35 -16.53
N ASP B 10 -5.17 -9.16 -17.14
CA ASP B 10 -5.91 -8.02 -16.61
C ASP B 10 -6.60 -7.25 -17.74
N GLY B 11 -7.41 -6.27 -17.36
CA GLY B 11 -8.09 -5.49 -18.35
C GLY B 11 -9.45 -5.18 -17.79
N PRO B 12 -10.24 -4.40 -18.53
CA PRO B 12 -11.58 -4.02 -18.12
C PRO B 12 -12.38 -5.28 -17.88
N HIS B 13 -13.35 -5.19 -16.98
CA HIS B 13 -14.21 -6.33 -16.66
C HIS B 13 -15.18 -6.57 -17.84
N GLY B 14 -15.75 -7.76 -17.94
CA GLY B 14 -16.71 -8.05 -19.00
C GLY B 14 -16.12 -8.40 -20.35
N MET B 15 -14.85 -8.77 -20.40
CA MET B 15 -14.19 -9.14 -21.66
C MET B 15 -14.01 -10.66 -21.77
N GLY B 16 -14.26 -11.37 -20.68
CA GLY B 16 -14.14 -12.82 -20.68
C GLY B 16 -12.79 -13.27 -20.20
N LYS B 17 -12.17 -12.46 -19.35
CA LYS B 17 -10.85 -12.76 -18.83
C LYS B 17 -10.80 -14.06 -18.08
N THR B 18 -11.77 -14.28 -17.19
CA THR B 18 -11.73 -15.51 -16.39
C THR B 18 -12.06 -16.81 -17.08
N THR B 19 -12.90 -16.78 -18.10
CA THR B 19 -13.19 -18.04 -18.79
C THR B 19 -11.89 -18.52 -19.40
N THR B 20 -11.25 -17.60 -20.12
CA THR B 20 -10.02 -17.90 -20.84
C THR B 20 -8.82 -18.25 -19.98
N THR B 21 -8.80 -17.72 -18.76
CA THR B 21 -7.77 -18.04 -17.77
C THR B 21 -8.03 -19.53 -17.42
N GLN B 22 -9.27 -19.82 -17.05
CA GLN B 22 -9.67 -21.18 -16.69
C GLN B 22 -9.50 -22.19 -17.81
N LEU B 23 -9.92 -21.83 -19.02
CA LEU B 23 -9.74 -22.74 -20.14
C LEU B 23 -8.28 -23.14 -20.25
N LEU B 24 -7.40 -22.15 -20.15
CA LEU B 24 -5.96 -22.35 -20.25
C LEU B 24 -5.42 -23.29 -19.18
N VAL B 25 -5.99 -23.25 -17.98
CA VAL B 25 -5.54 -24.12 -16.92
C VAL B 25 -6.10 -25.53 -17.06
N ALA B 26 -7.16 -25.65 -17.85
CA ALA B 26 -7.80 -26.95 -18.05
C ALA B 26 -7.00 -27.84 -18.99
N LEU B 27 -6.08 -27.22 -19.74
CA LEU B 27 -5.20 -27.91 -20.66
C LEU B 27 -4.21 -28.74 -19.91
N GLY B 28 -4.16 -29.96 -20.18
N ASP B 32 3.38 -27.91 -13.74
CA ASP B 32 1.95 -27.77 -14.12
C ASP B 32 1.47 -26.35 -13.82
N ILE B 33 0.18 -26.10 -14.04
CA ILE B 33 -0.44 -24.78 -13.90
C ILE B 33 -1.30 -24.68 -12.66
N VAL B 34 -1.52 -23.46 -12.20
CA VAL B 34 -2.39 -23.20 -11.07
C VAL B 34 -3.06 -21.86 -11.37
N TYR B 35 -4.38 -21.83 -11.18
CA TYR B 35 -5.20 -20.65 -11.41
C TYR B 35 -5.48 -19.94 -10.07
N VAL B 36 -5.31 -18.63 -10.07
CA VAL B 36 -5.57 -17.83 -8.89
C VAL B 36 -6.73 -16.90 -9.30
N PRO B 37 -7.96 -17.26 -8.90
CA PRO B 37 -9.18 -16.55 -9.18
C PRO B 37 -9.29 -15.17 -8.55
N GLU B 38 -10.38 -14.48 -8.87
CA GLU B 38 -10.65 -13.20 -8.26
C GLU B 38 -11.16 -13.61 -6.90
N PRO B 39 -10.81 -12.87 -5.86
CA PRO B 39 -11.24 -13.20 -4.49
C PRO B 39 -12.67 -12.74 -4.23
N MET B 40 -13.61 -13.22 -5.05
CA MET B 40 -14.99 -12.83 -4.93
C MET B 40 -15.61 -13.00 -3.52
N THR B 41 -15.20 -14.03 -2.82
CA THR B 41 -15.67 -14.27 -1.46
C THR B 41 -15.11 -13.22 -0.48
N TYR B 42 -13.86 -12.80 -0.68
CA TYR B 42 -13.29 -11.76 0.18
C TYR B 42 -14.08 -10.47 -0.03
N TRP B 43 -14.38 -10.16 -1.29
CA TRP B 43 -15.15 -8.97 -1.66
C TRP B 43 -16.65 -9.04 -1.26
N ARG B 44 -17.22 -10.24 -1.23
CA ARG B 44 -18.64 -10.41 -0.88
C ARG B 44 -18.91 -10.58 0.59
N VAL B 45 -17.96 -11.19 1.30
CA VAL B 45 -18.13 -11.48 2.72
C VAL B 45 -16.90 -11.42 3.62
N LEU B 46 -15.77 -11.92 3.18
CA LEU B 46 -14.66 -11.90 4.11
C LEU B 46 -14.11 -10.54 4.53
N GLY B 47 -13.82 -9.66 3.57
CA GLY B 47 -13.27 -8.36 3.90
C GLY B 47 -14.29 -7.29 4.21
N ALA B 48 -15.44 -7.37 3.53
CA ALA B 48 -16.55 -6.44 3.69
C ALA B 48 -17.75 -7.16 3.10
N SER B 49 -18.94 -6.63 3.31
CA SER B 49 -20.17 -7.22 2.79
C SER B 49 -20.52 -6.62 1.42
N GLU B 50 -20.70 -7.46 0.40
CA GLU B 50 -21.06 -7.01 -0.95
C GLU B 50 -20.30 -5.74 -1.43
N THR B 51 -18.98 -5.81 -1.44
CA THR B 51 -18.14 -4.68 -1.84
C THR B 51 -18.38 -4.18 -3.27
N ILE B 52 -18.66 -5.09 -4.19
CA ILE B 52 -18.90 -4.74 -5.58
C ILE B 52 -20.24 -4.04 -5.71
N ALA B 53 -21.24 -4.55 -5.00
CA ALA B 53 -22.57 -3.99 -5.02
C ALA B 53 -22.48 -2.58 -4.52
N ASN B 54 -21.65 -2.40 -3.50
CA ASN B 54 -21.43 -1.09 -2.87
C ASN B 54 -20.85 -0.10 -3.88
N ILE B 55 -19.85 -0.53 -4.64
CA ILE B 55 -19.19 0.31 -5.63
C ILE B 55 -20.17 0.82 -6.65
N TYR B 56 -20.93 -0.09 -7.22
CA TYR B 56 -21.88 0.28 -8.23
C TYR B 56 -23.02 1.10 -7.68
N THR B 57 -23.36 0.89 -6.41
CA THR B 57 -24.45 1.65 -5.79
C THR B 57 -23.97 3.08 -5.47
N THR B 58 -22.77 3.20 -4.90
CA THR B 58 -22.18 4.50 -4.53
C THR B 58 -22.05 5.40 -5.74
N GLN B 59 -21.47 4.89 -6.84
CA GLN B 59 -21.32 5.71 -8.03
C GLN B 59 -22.70 6.17 -8.54
N HIS B 60 -23.67 5.27 -8.42
CA HIS B 60 -25.02 5.55 -8.84
C HIS B 60 -25.62 6.71 -8.06
N ARG B 61 -25.49 6.66 -6.75
CA ARG B 61 -26.03 7.70 -5.89
C ARG B 61 -25.30 8.98 -6.22
N LEU B 62 -24.00 8.88 -6.54
CA LEU B 62 -23.25 10.06 -6.91
C LEU B 62 -23.90 10.55 -8.18
N ASP B 63 -24.03 9.67 -9.17
CA ASP B 63 -24.64 10.01 -10.45
C ASP B 63 -26.05 10.57 -10.29
N GLN B 64 -26.88 9.86 -9.56
CA GLN B 64 -28.24 10.33 -9.34
C GLN B 64 -28.18 11.66 -8.57
N GLY B 65 -27.14 11.85 -7.79
CA GLY B 65 -26.99 13.08 -7.03
C GLY B 65 -27.56 12.97 -5.64
N GLU B 66 -27.59 11.75 -5.11
CA GLU B 66 -28.11 11.45 -3.77
C GLU B 66 -27.00 11.62 -2.75
N ILE B 67 -25.79 11.24 -3.16
CA ILE B 67 -24.59 11.30 -2.35
C ILE B 67 -23.78 12.47 -2.91
N SER B 68 -22.82 12.99 -2.15
CA SER B 68 -21.99 14.10 -2.62
C SER B 68 -20.58 13.61 -3.01
N ALA B 69 -19.93 14.32 -3.93
CA ALA B 69 -18.59 13.96 -4.41
C ALA B 69 -17.68 13.35 -3.37
N GLY B 70 -17.54 14.01 -2.23
CA GLY B 70 -16.67 13.52 -1.16
C GLY B 70 -17.23 12.36 -0.36
N ASP B 71 -18.55 12.24 -0.33
CA ASP B 71 -19.23 11.17 0.38
C ASP B 71 -18.93 9.87 -0.35
N ALA B 72 -18.85 9.98 -1.67
CA ALA B 72 -18.58 8.85 -2.54
C ALA B 72 -17.12 8.46 -2.50
N ALA B 73 -16.24 9.47 -2.51
CA ALA B 73 -14.79 9.24 -2.48
C ALA B 73 -14.40 8.50 -1.22
N VAL B 74 -15.06 8.82 -0.12
CA VAL B 74 -14.75 8.16 1.13
C VAL B 74 -15.20 6.70 1.07
N VAL B 75 -16.27 6.43 0.32
CA VAL B 75 -16.76 5.05 0.17
C VAL B 75 -15.95 4.32 -0.90
N MET B 76 -15.71 4.99 -2.02
CA MET B 76 -14.91 4.38 -3.08
C MET B 76 -13.52 3.97 -2.63
N THR B 77 -12.87 4.84 -1.87
CA THR B 77 -11.53 4.58 -1.37
C THR B 77 -11.50 3.42 -0.41
N SER B 78 -12.49 3.34 0.47
CA SER B 78 -12.52 2.24 1.41
C SER B 78 -12.87 0.96 0.70
N ALA B 79 -13.71 1.05 -0.32
CA ALA B 79 -14.11 -0.11 -1.10
C ALA B 79 -12.88 -0.61 -1.92
N GLN B 80 -12.12 0.34 -2.49
CA GLN B 80 -10.92 -0.02 -3.24
C GLN B 80 -9.82 -0.68 -2.38
N ILE B 81 -9.75 -0.34 -1.10
CA ILE B 81 -8.77 -0.94 -0.19
C ILE B 81 -9.11 -2.41 0.00
N THR B 82 -10.40 -2.70 0.20
CA THR B 82 -10.92 -4.04 0.39
C THR B 82 -10.74 -4.87 -0.86
N MET B 83 -10.98 -4.27 -2.02
CA MET B 83 -10.82 -4.98 -3.30
C MET B 83 -9.40 -5.46 -3.51
N GLY B 84 -8.45 -4.63 -3.14
CA GLY B 84 -7.06 -4.98 -3.34
C GLY B 84 -6.37 -5.83 -2.32
N MET B 85 -6.92 -5.89 -1.10
CA MET B 85 -6.31 -6.67 0.00
C MET B 85 -5.76 -8.07 -0.32
N PRO B 86 -6.61 -8.99 -0.82
CA PRO B 86 -6.08 -10.33 -1.11
C PRO B 86 -4.91 -10.29 -2.10
N TYR B 87 -4.97 -9.35 -3.05
CA TYR B 87 -3.95 -9.16 -4.07
C TYR B 87 -2.63 -8.73 -3.46
N ALA B 88 -2.70 -7.72 -2.60
CA ALA B 88 -1.50 -7.22 -1.94
C ALA B 88 -0.87 -8.28 -0.99
N VAL B 89 -1.65 -9.05 -0.20
CA VAL B 89 -1.01 -10.07 0.68
C VAL B 89 -0.38 -11.22 -0.07
N THR B 90 -1.08 -11.67 -1.10
CA THR B 90 -0.58 -12.76 -1.90
C THR B 90 0.75 -12.34 -2.55
N ASP B 91 0.84 -11.09 -3.00
CA ASP B 91 2.06 -10.54 -3.59
C ASP B 91 3.21 -10.50 -2.55
N ALA B 92 2.88 -10.05 -1.34
CA ALA B 92 3.84 -9.93 -0.25
C ALA B 92 4.45 -11.23 0.22
N VAL B 93 3.66 -12.29 0.14
CA VAL B 93 4.11 -13.64 0.54
C VAL B 93 4.87 -14.30 -0.60
N LEU B 94 4.50 -13.97 -1.84
CA LEU B 94 5.15 -14.52 -3.02
C LEU B 94 6.56 -13.98 -3.15
N ALA B 95 6.66 -12.65 -3.06
CA ALA B 95 7.92 -11.93 -3.17
C ALA B 95 9.26 -12.59 -2.82
N PRO B 96 9.37 -13.21 -1.64
CA PRO B 96 10.65 -13.84 -1.29
C PRO B 96 10.93 -15.19 -1.92
N HIS B 97 10.02 -15.65 -2.76
CA HIS B 97 10.17 -16.93 -3.42
C HIS B 97 10.63 -16.68 -4.85
N ILE B 98 10.46 -15.46 -5.30
CA ILE B 98 10.84 -15.08 -6.63
C ILE B 98 12.32 -14.75 -6.68
N GLY B 99 13.01 -15.38 -7.64
CA GLY B 99 14.43 -15.17 -7.89
C GLY B 99 14.70 -14.51 -9.25
N GLY B 100 15.89 -14.63 -9.79
CA GLY B 100 16.17 -13.98 -11.05
C GLY B 100 15.39 -14.44 -12.28
N GLU B 101 15.32 -13.58 -13.30
CA GLU B 101 14.64 -13.92 -14.54
C GLU B 101 15.44 -15.01 -15.23
N ALA B 102 14.74 -15.93 -15.86
CA ALA B 102 15.36 -17.05 -16.58
C ALA B 102 15.05 -16.88 -18.08
N GLY B 103 13.76 -16.70 -18.40
CA GLY B 103 13.29 -16.52 -19.78
C GLY B 103 12.31 -17.62 -20.16
N SER B 104 11.94 -17.71 -21.44
CA SER B 104 11.04 -18.75 -21.95
C SER B 104 11.38 -18.98 -23.42
N SER B 105 11.40 -17.96 -24.17
N ALA B 107 14.12 -20.63 -22.95
CA ALA B 107 14.26 -21.44 -21.69
C ALA B 107 13.23 -22.57 -21.69
N PRO B 108 13.55 -23.71 -20.99
CA PRO B 108 12.73 -24.94 -20.85
C PRO B 108 11.33 -24.70 -20.22
N PRO B 109 10.52 -25.78 -20.07
CA PRO B 109 9.19 -25.59 -19.48
C PRO B 109 9.31 -25.27 -17.98
N PRO B 110 8.48 -24.34 -17.48
CA PRO B 110 8.59 -24.02 -16.06
C PRO B 110 8.09 -25.16 -15.19
N ALA B 111 8.62 -25.26 -13.97
CA ALA B 111 8.21 -26.30 -13.01
C ALA B 111 6.77 -26.02 -12.56
N LEU B 112 6.43 -24.74 -12.47
CA LEU B 112 5.11 -24.26 -12.07
C LEU B 112 4.75 -23.04 -12.87
N THR B 113 3.48 -22.97 -13.27
CA THR B 113 2.95 -21.85 -14.02
C THR B 113 1.76 -21.31 -13.22
N LEU B 114 1.83 -20.03 -12.85
CA LEU B 114 0.76 -19.38 -12.10
C LEU B 114 -0.03 -18.46 -12.99
N ILE B 115 -1.32 -18.71 -13.16
CA ILE B 115 -2.16 -17.84 -13.97
C ILE B 115 -3.04 -17.09 -13.01
N PHE B 116 -2.81 -15.78 -12.90
CA PHE B 116 -3.55 -14.94 -11.98
C PHE B 116 -4.68 -14.20 -12.66
N ASP B 117 -5.80 -14.06 -11.94
CA ASP B 117 -6.91 -13.30 -12.46
C ASP B 117 -6.70 -11.91 -11.85
N ARG B 118 -6.22 -11.01 -12.69
CA ARG B 118 -5.93 -9.63 -12.36
C ARG B 118 -4.61 -9.51 -11.61
N HIS B 119 -4.14 -8.29 -11.46
CA HIS B 119 -2.88 -8.03 -10.78
C HIS B 119 -3.08 -6.94 -9.75
N PRO B 120 -2.15 -6.82 -8.78
CA PRO B 120 -2.29 -5.78 -7.78
C PRO B 120 -2.61 -4.37 -8.33
N ILE B 121 -2.07 -4.00 -9.48
CA ILE B 121 -2.32 -2.67 -10.02
C ILE B 121 -3.77 -2.41 -10.40
N ALA B 122 -4.54 -3.49 -10.54
CA ALA B 122 -5.96 -3.35 -10.87
C ALA B 122 -6.67 -2.64 -9.71
N ALA B 123 -6.39 -3.10 -8.49
CA ALA B 123 -6.98 -2.54 -7.28
C ALA B 123 -6.33 -1.24 -6.78
N LEU B 124 -5.04 -1.11 -6.97
CA LEU B 124 -4.28 0.06 -6.52
C LEU B 124 -3.99 1.13 -7.56
N LEU B 125 -4.46 0.96 -8.79
CA LEU B 125 -4.18 1.96 -9.82
C LEU B 125 -5.28 2.13 -10.86
N CYS B 126 -5.62 1.05 -11.56
CA CYS B 126 -6.61 1.10 -12.61
C CYS B 126 -8.02 1.45 -12.19
N TYR B 127 -8.66 0.64 -11.35
CA TYR B 127 -10.00 0.99 -10.95
C TYR B 127 -9.99 2.33 -10.23
N PRO B 128 -9.00 2.56 -9.34
CA PRO B 128 -8.98 3.86 -8.68
C PRO B 128 -8.82 5.01 -9.67
N ALA B 129 -7.95 4.86 -10.66
CA ALA B 129 -7.80 5.92 -11.64
C ALA B 129 -9.09 6.10 -12.45
N ALA B 130 -9.80 4.99 -12.70
CA ALA B 130 -11.07 5.01 -13.44
C ALA B 130 -12.12 5.71 -12.62
N ARG B 131 -12.16 5.43 -11.32
CA ARG B 131 -13.13 6.04 -10.41
C ARG B 131 -12.85 7.53 -10.21
N TYR B 132 -11.58 7.90 -10.29
CA TYR B 132 -11.21 9.31 -10.21
C TYR B 132 -11.89 10.00 -11.42
N LEU B 133 -11.72 9.45 -12.61
CA LEU B 133 -12.35 10.02 -13.82
C LEU B 133 -13.87 10.04 -13.74
N MET B 134 -14.45 9.12 -12.99
CA MET B 134 -15.89 9.05 -12.81
C MET B 134 -16.33 10.04 -11.75
N GLY B 135 -15.36 10.75 -11.18
CA GLY B 135 -15.67 11.72 -10.16
C GLY B 135 -15.92 11.15 -8.76
N SER B 136 -15.77 9.84 -8.58
CA SER B 136 -16.03 9.22 -7.27
C SER B 136 -14.79 8.99 -6.44
N MET B 137 -13.67 9.53 -6.91
CA MET B 137 -12.43 9.43 -6.17
C MET B 137 -11.60 10.64 -6.51
N THR B 138 -10.72 11.00 -5.58
CA THR B 138 -9.84 12.15 -5.78
C THR B 138 -8.47 11.73 -6.36
N PRO B 139 -7.80 12.62 -7.12
CA PRO B 139 -6.50 12.17 -7.65
C PRO B 139 -5.45 11.98 -6.56
N GLN B 140 -5.56 12.70 -5.45
CA GLN B 140 -4.59 12.56 -4.37
C GLN B 140 -4.64 11.15 -3.86
N ALA B 141 -5.84 10.61 -3.68
CA ALA B 141 -6.05 9.23 -3.17
C ALA B 141 -5.52 8.15 -4.13
N VAL B 142 -5.80 8.33 -5.42
CA VAL B 142 -5.31 7.42 -6.46
C VAL B 142 -3.77 7.39 -6.32
N LEU B 143 -3.17 8.58 -6.20
CA LEU B 143 -1.73 8.68 -6.06
C LEU B 143 -1.25 8.10 -4.72
N ALA B 144 -2.16 8.04 -3.74
CA ALA B 144 -1.88 7.48 -2.41
C ALA B 144 -1.75 5.99 -2.63
N PHE B 145 -2.70 5.41 -3.34
CA PHE B 145 -2.67 4.00 -3.67
C PHE B 145 -1.41 3.71 -4.50
N VAL B 146 -1.16 4.51 -5.53
CA VAL B 146 0.02 4.33 -6.40
C VAL B 146 1.29 4.26 -5.58
N ALA B 147 1.42 5.12 -4.57
CA ALA B 147 2.61 5.13 -3.74
C ALA B 147 2.78 3.83 -2.95
N LEU B 148 1.72 3.04 -2.84
CA LEU B 148 1.74 1.77 -2.10
C LEU B 148 1.82 0.54 -3.02
N ILE B 149 1.91 0.77 -4.33
CA ILE B 149 2.03 -0.29 -5.30
C ILE B 149 3.30 -1.03 -4.91
N PRO B 150 3.21 -2.35 -4.61
CA PRO B 150 4.39 -3.11 -4.21
C PRO B 150 5.44 -3.16 -5.30
N PRO B 151 6.71 -3.37 -4.93
CA PRO B 151 7.78 -3.44 -5.91
C PRO B 151 7.48 -4.52 -6.95
N THR B 152 7.79 -4.23 -8.21
CA THR B 152 7.54 -5.16 -9.30
C THR B 152 8.56 -6.27 -9.30
N LEU B 153 8.10 -7.48 -8.99
CA LEU B 153 8.97 -8.64 -9.00
C LEU B 153 9.36 -8.97 -10.45
N PRO B 154 10.48 -9.67 -10.64
CA PRO B 154 10.89 -10.02 -12.00
C PRO B 154 9.97 -11.06 -12.62
N GLY B 155 9.80 -11.02 -13.94
CA GLY B 155 8.92 -11.99 -14.57
C GLY B 155 7.48 -11.60 -14.39
N THR B 156 7.25 -10.30 -14.19
CA THR B 156 5.90 -9.81 -14.03
C THR B 156 5.36 -9.61 -15.44
N ASN B 157 4.67 -10.65 -15.90
CA ASN B 157 4.07 -10.68 -17.22
C ASN B 157 2.60 -10.28 -17.10
N ILE B 158 2.22 -9.20 -17.75
CA ILE B 158 0.83 -8.81 -17.67
C ILE B 158 0.19 -8.83 -19.04
N VAL B 159 -0.96 -9.50 -19.13
CA VAL B 159 -1.75 -9.59 -20.36
C VAL B 159 -3.00 -8.72 -20.17
N LEU B 160 -3.18 -7.74 -21.05
CA LEU B 160 -4.32 -6.85 -20.99
C LEU B 160 -5.17 -7.18 -22.20
N GLY B 161 -6.48 -7.02 -22.10
CA GLY B 161 -7.30 -7.39 -23.23
C GLY B 161 -7.68 -6.27 -24.15
N ALA B 162 -8.09 -6.68 -25.36
CA ALA B 162 -8.55 -5.77 -26.41
C ALA B 162 -9.86 -6.38 -26.92
N LEU B 163 -10.90 -5.57 -26.99
CA LEU B 163 -12.21 -6.01 -27.46
C LEU B 163 -12.84 -4.74 -27.96
N PRO B 164 -13.48 -4.77 -29.14
CA PRO B 164 -14.13 -3.59 -29.69
C PRO B 164 -15.17 -3.01 -28.74
N GLU B 165 -15.15 -1.70 -28.63
CA GLU B 165 -16.04 -0.96 -27.75
C GLU B 165 -17.49 -1.45 -27.76
N ASP B 166 -17.96 -1.85 -28.95
CA ASP B 166 -19.34 -2.30 -29.11
C ASP B 166 -19.55 -3.74 -28.68
N ARG B 167 -18.63 -4.61 -29.06
CA ARG B 167 -18.76 -5.99 -28.69
C ARG B 167 -18.66 -6.03 -27.17
N HIS B 168 -17.84 -5.14 -26.61
CA HIS B 168 -17.66 -5.07 -25.16
C HIS B 168 -18.92 -4.66 -24.46
N ILE B 169 -19.58 -3.65 -25.01
CA ILE B 169 -20.82 -3.15 -24.42
C ILE B 169 -21.90 -4.22 -24.42
N ASP B 170 -21.98 -4.98 -25.51
CA ASP B 170 -22.97 -6.07 -25.60
C ASP B 170 -22.65 -7.15 -24.61
N ARG B 171 -21.38 -7.52 -24.58
CA ARG B 171 -20.86 -8.54 -23.69
C ARG B 171 -21.18 -8.13 -22.27
N LEU B 172 -20.87 -6.89 -21.95
CA LEU B 172 -21.15 -6.37 -20.63
C LEU B 172 -22.65 -6.53 -20.36
N ALA B 173 -23.43 -6.09 -21.35
CA ALA B 173 -24.90 -6.09 -21.32
C ALA B 173 -25.55 -7.45 -21.16
N LYS B 174 -24.84 -8.51 -21.52
CA LYS B 174 -25.41 -9.84 -21.37
C LYS B 174 -25.26 -10.37 -19.93
N ARG B 175 -24.03 -10.67 -19.51
CA ARG B 175 -23.80 -11.23 -18.18
C ARG B 175 -24.32 -10.39 -17.01
N GLN B 176 -24.32 -11.01 -15.81
CA GLN B 176 -24.77 -10.35 -14.58
C GLN B 176 -23.87 -10.58 -13.34
N ARG B 177 -23.18 -9.52 -12.90
CA ARG B 177 -22.36 -9.62 -11.69
C ARG B 177 -23.36 -9.29 -10.55
N PRO B 178 -23.08 -9.77 -9.32
CA PRO B 178 -24.01 -9.46 -8.24
C PRO B 178 -23.65 -8.12 -7.59
N GLY B 179 -24.49 -7.11 -7.83
CA GLY B 179 -24.26 -5.80 -7.27
C GLY B 179 -23.87 -4.82 -8.36
N GLU B 180 -23.16 -5.35 -9.33
CA GLU B 180 -22.70 -4.59 -10.48
C GLU B 180 -23.93 -3.94 -11.06
N ARG B 181 -23.72 -2.87 -11.81
CA ARG B 181 -24.78 -2.12 -12.45
C ARG B 181 -24.20 -1.70 -13.80
N LEU B 182 -25.01 -1.77 -14.86
CA LEU B 182 -24.52 -1.39 -16.18
C LEU B 182 -24.30 0.11 -16.27
N ASP B 183 -23.03 0.48 -16.24
CA ASP B 183 -22.61 1.86 -16.32
C ASP B 183 -21.60 1.85 -17.44
N LEU B 184 -22.01 2.30 -18.61
CA LEU B 184 -21.13 2.33 -19.75
C LEU B 184 -20.19 3.51 -19.69
N ALA B 185 -20.40 4.41 -18.74
CA ALA B 185 -19.52 5.56 -18.54
C ALA B 185 -18.26 5.09 -17.78
N MET B 186 -18.48 4.11 -16.91
CA MET B 186 -17.43 3.51 -16.12
C MET B 186 -16.71 2.53 -17.03
N LEU B 187 -17.47 1.92 -17.94
CA LEU B 187 -16.89 0.99 -18.88
C LEU B 187 -15.89 1.76 -19.72
N ALA B 188 -16.29 2.91 -20.27
CA ALA B 188 -15.39 3.71 -21.09
C ALA B 188 -14.18 4.20 -20.27
N ALA B 189 -14.47 4.58 -19.03
CA ALA B 189 -13.41 5.03 -18.14
C ALA B 189 -12.39 3.94 -17.92
N ILE B 190 -12.88 2.74 -17.61
CA ILE B 190 -11.96 1.65 -17.34
C ILE B 190 -11.24 1.22 -18.61
N ARG B 191 -11.89 1.42 -19.75
CA ARG B 191 -11.28 1.07 -21.02
C ARG B 191 -10.16 2.04 -21.36
N ARG B 192 -10.38 3.34 -21.16
CA ARG B 192 -9.33 4.32 -21.43
C ARG B 192 -8.18 4.12 -20.48
N VAL B 193 -8.48 3.90 -19.21
CA VAL B 193 -7.44 3.69 -18.20
C VAL B 193 -6.51 2.52 -18.54
N TYR B 194 -7.06 1.36 -18.89
CA TYR B 194 -6.19 0.24 -19.22
C TYR B 194 -5.47 0.52 -20.54
N GLY B 195 -6.03 1.42 -21.33
CA GLY B 195 -5.41 1.81 -22.59
C GLY B 195 -4.19 2.70 -22.34
N LEU B 196 -4.29 3.61 -21.37
CA LEU B 196 -3.18 4.50 -20.99
C LEU B 196 -2.08 3.64 -20.34
N LEU B 197 -2.48 2.63 -19.55
CA LEU B 197 -1.52 1.74 -18.90
C LEU B 197 -0.63 1.05 -19.93
N ALA B 198 -1.27 0.44 -20.92
CA ALA B 198 -0.54 -0.25 -21.99
C ALA B 198 0.52 0.69 -22.60
N ASN B 199 0.10 1.91 -22.92
CA ASN B 199 0.94 2.96 -23.51
C ASN B 199 2.02 3.35 -22.57
N THR B 200 1.66 3.53 -21.31
CA THR B 200 2.63 3.92 -20.30
C THR B 200 3.83 2.99 -20.24
N VAL B 201 3.58 1.69 -20.21
CA VAL B 201 4.66 0.71 -20.13
C VAL B 201 5.65 0.90 -21.30
N ARG B 202 5.09 1.01 -22.48
CA ARG B 202 5.85 1.18 -23.70
C ARG B 202 6.60 2.52 -23.73
N TYR B 203 5.92 3.59 -23.33
CA TYR B 203 6.53 4.89 -23.26
C TYR B 203 7.74 4.78 -22.34
N LEU B 204 7.56 4.23 -21.13
CA LEU B 204 8.69 4.09 -20.19
C LEU B 204 9.74 3.16 -20.74
N GLN B 205 9.31 2.11 -21.41
CA GLN B 205 10.26 1.17 -21.98
C GLN B 205 10.95 1.70 -23.23
N CYS B 206 10.45 2.82 -23.76
CA CYS B 206 11.03 3.48 -24.91
C CYS B 206 11.92 4.67 -24.50
N GLY B 207 12.21 4.78 -23.20
CA GLY B 207 13.07 5.87 -22.72
C GLY B 207 12.42 7.16 -22.23
N GLY B 208 11.09 7.23 -22.34
CA GLY B 208 10.39 8.42 -21.90
C GLY B 208 10.59 8.73 -20.44
N SER B 209 10.59 10.03 -20.14
CA SER B 209 10.73 10.56 -18.79
C SER B 209 9.61 11.58 -18.70
N TRP B 210 8.57 11.23 -17.94
CA TRP B 210 7.40 12.09 -17.75
C TRP B 210 7.79 13.49 -17.34
N ARG B 211 8.89 13.61 -16.61
CA ARG B 211 9.37 14.91 -16.17
C ARG B 211 9.81 15.76 -17.36
N GLU B 212 10.58 15.15 -18.26
CA GLU B 212 11.10 15.80 -19.46
C GLU B 212 9.94 16.27 -20.33
N ASP B 213 8.92 15.44 -20.38
CA ASP B 213 7.77 15.70 -21.22
C ASP B 213 6.53 16.26 -20.55
N TRP B 214 6.59 16.48 -19.25
CA TRP B 214 5.43 17.00 -18.55
C TRP B 214 4.89 18.25 -19.23
N GLY B 215 5.79 19.10 -19.71
CA GLY B 215 5.36 20.32 -20.36
C GLY B 215 4.60 20.08 -21.64
N GLN B 216 4.76 18.88 -22.18
CA GLN B 216 4.10 18.52 -23.41
C GLN B 216 2.65 18.10 -23.22
N LEU B 217 2.04 18.48 -22.12
CA LEU B 217 0.63 18.16 -21.86
C LEU B 217 -0.17 19.46 -21.93
N SER B 218 0.28 20.44 -21.26
N ASN B 232 10.17 -1.62 -31.43
CA ASN B 232 9.27 -1.96 -30.28
C ASN B 232 7.95 -2.47 -30.87
N ALA B 233 6.98 -2.64 -29.96
CA ALA B 233 5.61 -3.02 -30.27
C ALA B 233 5.10 -1.61 -30.49
N GLY B 234 5.55 -1.01 -31.58
CA GLY B 234 5.17 0.36 -31.89
C GLY B 234 6.20 1.40 -31.48
N PRO B 235 6.00 2.66 -31.85
CA PRO B 235 6.96 3.70 -31.47
C PRO B 235 6.63 4.19 -30.05
N ARG B 236 7.46 5.10 -29.53
CA ARG B 236 7.26 5.69 -28.21
C ARG B 236 6.00 6.55 -28.28
N PRO B 237 5.04 6.36 -27.35
CA PRO B 237 3.84 7.18 -27.40
C PRO B 237 4.01 8.56 -26.76
N HIS B 238 3.09 9.45 -27.09
CA HIS B 238 3.08 10.79 -26.57
C HIS B 238 2.59 10.72 -25.11
N ILE B 239 3.32 11.38 -24.21
CA ILE B 239 2.98 11.37 -22.80
C ILE B 239 1.49 11.58 -22.56
N GLY B 240 0.85 12.37 -23.42
CA GLY B 240 -0.57 12.60 -23.28
C GLY B 240 -1.40 11.36 -23.56
N ASP B 241 -0.74 10.30 -23.98
CA ASP B 241 -1.41 9.05 -24.27
C ASP B 241 -1.03 8.03 -23.21
N THR B 242 -0.39 8.49 -22.14
CA THR B 242 0.03 7.61 -21.07
C THR B 242 -0.80 8.00 -19.82
N LEU B 243 -0.66 7.24 -18.73
CA LEU B 243 -1.41 7.53 -17.50
C LEU B 243 -0.98 8.81 -16.78
N PHE B 244 0.20 9.34 -17.13
CA PHE B 244 0.68 10.58 -16.53
C PHE B 244 -0.29 11.76 -16.81
N THR B 245 -1.01 11.68 -17.92
CA THR B 245 -1.94 12.74 -18.31
C THR B 245 -3.18 12.87 -17.41
N LEU B 246 -3.48 11.85 -16.61
CA LEU B 246 -4.65 11.94 -15.73
C LEU B 246 -4.33 12.85 -14.54
N PHE B 247 -3.05 13.01 -14.24
CA PHE B 247 -2.64 13.78 -13.09
C PHE B 247 -2.37 15.27 -13.25
N ARG B 248 -2.82 15.83 -14.37
CA ARG B 248 -2.72 17.26 -14.66
C ARG B 248 -3.90 17.87 -13.89
N ALA B 249 -4.18 17.38 -12.69
CA ALA B 249 -5.30 17.88 -11.90
C ALA B 249 -4.95 19.17 -11.16
N PRO B 250 -5.88 20.14 -11.15
CA PRO B 250 -5.69 21.42 -10.48
C PRO B 250 -5.30 21.27 -9.01
N GLU B 251 -5.89 20.29 -8.33
CA GLU B 251 -5.60 20.08 -6.91
C GLU B 251 -4.22 19.54 -6.65
N LEU B 252 -3.52 19.11 -7.69
CA LEU B 252 -2.19 18.58 -7.50
C LEU B 252 -1.14 19.63 -7.88
N LEU B 253 -1.63 20.71 -8.47
CA LEU B 253 -0.80 21.82 -8.94
C LEU B 253 -0.65 22.95 -7.95
N ALA B 254 0.62 23.32 -7.74
CA ALA B 254 1.03 24.38 -6.85
C ALA B 254 0.66 25.69 -7.51
N PRO B 255 0.86 26.83 -6.82
CA PRO B 255 0.51 28.10 -7.46
C PRO B 255 1.39 28.32 -8.68
N ASN B 256 2.69 28.09 -8.55
CA ASN B 256 3.61 28.28 -9.66
C ASN B 256 3.33 27.40 -10.89
N GLY B 257 2.25 26.61 -10.86
CA GLY B 257 1.89 25.77 -11.99
C GLY B 257 2.34 24.31 -12.04
N ASP B 258 3.48 23.99 -11.44
CA ASP B 258 3.98 22.62 -11.44
C ASP B 258 3.27 21.81 -10.37
N LEU B 259 3.52 20.51 -10.38
CA LEU B 259 2.91 19.60 -9.42
C LEU B 259 3.65 19.75 -8.11
N TYR B 260 2.94 19.62 -7.02
CA TYR B 260 3.63 19.67 -5.75
C TYR B 260 4.62 18.49 -5.78
N ASN B 261 5.72 18.61 -5.07
CA ASN B 261 6.71 17.55 -5.01
C ASN B 261 6.16 16.21 -4.53
N VAL B 262 5.19 16.20 -3.62
CA VAL B 262 4.61 14.91 -3.17
C VAL B 262 4.05 14.11 -4.33
N PHE B 263 3.24 14.78 -5.15
CA PHE B 263 2.61 14.15 -6.29
C PHE B 263 3.57 13.72 -7.40
N ALA B 264 4.60 14.54 -7.63
CA ALA B 264 5.61 14.22 -8.64
C ALA B 264 6.44 13.00 -8.18
N TRP B 265 6.63 12.84 -6.88
CA TRP B 265 7.34 11.68 -6.33
C TRP B 265 6.49 10.42 -6.53
N ALA B 266 5.17 10.58 -6.39
CA ALA B 266 4.22 9.50 -6.60
C ALA B 266 4.34 9.06 -8.08
N LEU B 267 4.42 10.01 -9.01
CA LEU B 267 4.58 9.65 -10.42
C LEU B 267 5.92 8.95 -10.73
N ASP B 268 6.96 9.27 -9.99
CA ASP B 268 8.27 8.62 -10.17
C ASP B 268 8.13 7.15 -9.81
N VAL B 269 7.36 6.89 -8.77
CA VAL B 269 7.15 5.52 -8.33
C VAL B 269 6.36 4.79 -9.40
N LEU B 270 5.33 5.44 -9.93
CA LEU B 270 4.51 4.84 -10.98
C LEU B 270 5.43 4.43 -12.15
N ALA B 271 6.38 5.29 -12.47
CA ALA B 271 7.33 5.01 -13.53
C ALA B 271 8.12 3.76 -13.18
N LYS B 272 8.73 3.76 -11.99
CA LYS B 272 9.55 2.65 -11.51
C LYS B 272 8.79 1.35 -11.54
N ARG B 273 7.61 1.35 -10.96
CA ARG B 273 6.80 0.14 -10.92
C ARG B 273 6.46 -0.47 -12.30
N LEU B 274 6.04 0.34 -13.26
CA LEU B 274 5.63 -0.18 -14.56
C LEU B 274 6.68 -0.45 -15.61
N ARG B 275 7.87 0.13 -15.48
CA ARG B 275 8.89 -0.08 -16.49
C ARG B 275 9.52 -1.46 -16.51
N SER B 276 9.37 -2.24 -15.46
CA SER B 276 9.98 -3.55 -15.48
C SER B 276 8.96 -4.65 -15.73
N MET B 277 7.71 -4.25 -16.00
CA MET B 277 6.64 -5.22 -16.29
C MET B 277 6.67 -5.63 -17.78
N HIS B 278 6.21 -6.84 -18.06
CA HIS B 278 6.19 -7.31 -19.43
C HIS B 278 4.70 -7.39 -19.77
N VAL B 279 4.21 -6.44 -20.57
CA VAL B 279 2.80 -6.36 -20.89
C VAL B 279 2.49 -6.95 -22.26
N PHE B 280 1.44 -7.76 -22.36
CA PHE B 280 1.01 -8.40 -23.63
C PHE B 280 -0.45 -8.10 -23.89
N ILE B 281 -0.81 -8.13 -25.17
CA ILE B 281 -2.18 -7.84 -25.59
C ILE B 281 -2.83 -9.07 -26.15
N LEU B 282 -3.99 -9.42 -25.61
CA LEU B 282 -4.76 -10.54 -26.07
C LEU B 282 -6.08 -9.98 -26.55
N ASP B 283 -6.47 -10.34 -27.75
CA ASP B 283 -7.70 -9.90 -28.35
C ASP B 283 -8.82 -10.82 -27.91
N TYR B 284 -9.86 -10.25 -27.32
CA TYR B 284 -10.95 -11.06 -26.86
C TYR B 284 -12.10 -11.12 -27.84
N ASP B 285 -11.85 -10.69 -29.07
CA ASP B 285 -12.89 -10.73 -30.07
C ASP B 285 -12.80 -12.01 -30.88
N GLN B 286 -12.96 -13.13 -30.19
CA GLN B 286 -12.94 -14.45 -30.78
C GLN B 286 -13.60 -15.41 -29.80
N SER B 287 -13.70 -16.68 -30.16
CA SER B 287 -14.34 -17.65 -29.28
C SER B 287 -13.55 -17.84 -28.01
N PRO B 288 -14.16 -18.48 -27.01
CA PRO B 288 -13.49 -18.73 -25.73
C PRO B 288 -12.22 -19.54 -25.95
N ALA B 289 -12.32 -20.57 -26.78
CA ALA B 289 -11.17 -21.43 -27.09
C ALA B 289 -10.14 -20.66 -27.92
N GLY B 290 -10.62 -19.72 -28.74
CA GLY B 290 -9.73 -18.90 -29.56
C GLY B 290 -8.86 -18.10 -28.61
N CYS B 291 -9.52 -17.44 -27.68
CA CYS B 291 -8.80 -16.68 -26.68
C CYS B 291 -7.88 -17.65 -25.92
N ARG B 292 -8.40 -18.82 -25.53
CA ARG B 292 -7.61 -19.79 -24.79
C ARG B 292 -6.31 -20.05 -25.49
N ASP B 293 -6.39 -20.26 -26.80
CA ASP B 293 -5.24 -20.56 -27.67
C ASP B 293 -4.34 -19.34 -28.03
N ALA B 294 -4.95 -18.18 -28.21
CA ALA B 294 -4.21 -16.96 -28.50
C ALA B 294 -3.27 -16.64 -27.33
N LEU B 295 -3.76 -16.83 -26.11
CA LEU B 295 -3.01 -16.59 -24.87
C LEU B 295 -1.98 -17.67 -24.64
N LEU B 296 -2.29 -18.90 -25.05
CA LEU B 296 -1.32 -20.00 -24.89
C LEU B 296 -0.14 -19.69 -25.79
N GLN B 297 -0.40 -18.94 -26.87
CA GLN B 297 0.64 -18.56 -27.82
C GLN B 297 1.52 -17.40 -27.29
N LEU B 298 0.91 -16.40 -26.63
CA LEU B 298 1.69 -15.28 -26.05
C LEU B 298 2.58 -15.78 -24.92
N THR B 299 2.04 -16.71 -24.15
CA THR B 299 2.71 -17.30 -23.00
C THR B 299 4.08 -17.92 -23.28
N SER B 300 4.22 -18.53 -24.45
CA SER B 300 5.47 -19.20 -24.84
C SER B 300 6.69 -18.30 -24.74
N GLY B 301 6.57 -17.05 -25.18
CA GLY B 301 7.69 -16.14 -25.11
C GLY B 301 7.57 -15.19 -23.94
N MET B 302 7.28 -15.75 -22.76
CA MET B 302 7.14 -14.94 -21.57
C MET B 302 8.26 -15.28 -20.61
N VAL B 303 8.86 -14.26 -20.00
CA VAL B 303 9.96 -14.37 -19.05
C VAL B 303 9.64 -15.17 -17.80
N GLN B 304 10.47 -16.18 -17.51
CA GLN B 304 10.31 -17.02 -16.32
C GLN B 304 11.27 -16.51 -15.24
N THR B 305 11.15 -17.03 -14.03
CA THR B 305 12.04 -16.63 -12.95
C THR B 305 12.38 -17.91 -12.23
N HIS B 306 13.48 -17.86 -11.49
CA HIS B 306 13.88 -18.99 -10.69
C HIS B 306 13.18 -18.74 -9.37
N VAL B 307 13.10 -19.77 -8.54
CA VAL B 307 12.54 -19.59 -7.22
C VAL B 307 13.75 -19.45 -6.30
N THR B 308 13.51 -19.15 -5.03
CA THR B 308 14.61 -19.00 -4.08
C THR B 308 14.90 -20.28 -3.29
N THR B 309 14.22 -21.36 -3.64
CA THR B 309 14.42 -22.66 -3.02
C THR B 309 13.66 -23.68 -3.86
N PRO B 310 14.18 -24.92 -3.99
CA PRO B 310 13.41 -25.89 -4.80
C PRO B 310 12.02 -25.99 -4.17
N GLY B 311 12.02 -26.03 -2.84
CA GLY B 311 10.80 -26.09 -2.05
C GLY B 311 9.94 -24.83 -2.06
N SER B 312 10.18 -23.90 -2.98
CA SER B 312 9.33 -22.72 -3.07
C SER B 312 8.15 -23.10 -3.94
N ILE B 313 8.40 -24.01 -4.88
CA ILE B 313 7.35 -24.48 -5.80
C ILE B 313 6.17 -25.09 -5.03
N PRO B 314 6.41 -26.08 -4.14
CA PRO B 314 5.34 -26.71 -3.37
C PRO B 314 4.57 -25.65 -2.61
N THR B 315 5.32 -24.77 -1.96
CA THR B 315 4.81 -23.67 -1.17
C THR B 315 3.92 -22.77 -2.04
N ILE B 316 4.51 -22.32 -3.14
CA ILE B 316 3.81 -21.45 -4.08
C ILE B 316 2.58 -22.14 -4.60
N CYS B 317 2.71 -23.42 -4.88
CA CYS B 317 1.60 -24.17 -5.40
C CYS B 317 0.45 -24.12 -4.40
N ASP B 318 0.76 -24.40 -3.15
CA ASP B 318 -0.25 -24.43 -2.10
C ASP B 318 -0.88 -23.10 -1.79
N LEU B 319 -0.07 -22.05 -1.74
CA LEU B 319 -0.57 -20.68 -1.52
C LEU B 319 -1.67 -20.43 -2.54
N ALA B 320 -1.35 -20.67 -3.81
CA ALA B 320 -2.30 -20.49 -4.91
C ALA B 320 -3.52 -21.36 -4.73
N ARG B 321 -3.30 -22.58 -4.29
CA ARG B 321 -4.38 -23.54 -4.06
C ARG B 321 -5.37 -23.06 -3.01
N THR B 322 -4.83 -22.62 -1.88
CA THR B 322 -5.60 -22.11 -0.74
C THR B 322 -6.34 -20.83 -1.06
N PHE B 323 -5.67 -19.95 -1.80
CA PHE B 323 -6.27 -18.69 -2.19
C PHE B 323 -7.54 -19.06 -2.92
N ALA B 324 -7.40 -19.87 -3.97
CA ALA B 324 -8.54 -20.28 -4.79
C ALA B 324 -9.65 -20.85 -3.97
N ARG B 325 -9.31 -21.86 -3.19
CA ARG B 325 -10.27 -22.54 -2.33
C ARG B 325 -10.94 -21.58 -1.34
N GLU B 326 -10.15 -20.68 -0.77
CA GLU B 326 -10.73 -19.78 0.19
C GLU B 326 -11.46 -18.57 -0.35
N MET B 327 -10.93 -17.96 -1.40
CA MET B 327 -11.57 -16.75 -1.92
C MET B 327 -12.16 -16.77 -3.31
N GLY B 328 -12.02 -17.88 -4.03
CA GLY B 328 -12.56 -17.95 -5.37
C GLY B 328 -14.04 -18.30 -5.42
N GLU B 329 -14.53 -18.51 -6.64
CA GLU B 329 -15.92 -18.87 -6.97
C GLU B 329 -16.86 -17.66 -6.77
S SO4 C . 4.04 14.81 19.78
O1 SO4 C . 2.77 14.50 19.22
O2 SO4 C . 4.81 15.38 18.79
O3 SO4 C . 3.92 15.74 20.82
O4 SO4 C . 4.81 13.79 20.36
O5' BVD D . 0.25 13.39 14.69
C5' BVD D . -0.53 14.59 14.68
C4' BVD D . -2.02 14.31 15.04
O4' BVD D . -2.65 13.38 14.13
C1' BVD D . -2.89 12.03 14.66
N1 BVD D . -2.58 10.92 13.65
C6 BVD D . -1.31 10.75 13.16
C2 BVD D . -3.59 10.13 13.21
O2 BVD D . -4.73 10.11 13.66
N3 BVD D . -3.28 9.30 12.23
C4 BVD D . -2.02 9.03 11.77
O4 BVD D . -1.87 8.03 11.08
C5 BVD D . -0.99 9.91 12.18
C5A BVD D . 0.33 9.83 11.79
C5B BVD D . 0.69 9.27 10.60
BR BVD D . 2.52 9.28 9.98
C2' BVD D . -2.11 12.11 15.96
C3' BVD D . -2.22 13.61 16.38
O3' BVD D . -3.57 13.88 16.69
S SO4 E . -14.15 -10.74 -17.23
O1 SO4 E . -13.32 -11.64 -16.66
O2 SO4 E . -15.08 -11.50 -17.95
O3 SO4 E . -14.67 -10.02 -16.14
O4 SO4 E . -13.52 -9.92 -18.17
O5' BVD F . -14.21 -7.70 -10.91
C5' BVD F . -15.60 -7.89 -10.64
C4' BVD F . -16.28 -6.58 -10.61
O4' BVD F . -15.65 -5.72 -9.69
C1' BVD F . -15.25 -4.52 -10.29
N1 BVD F . -13.93 -4.08 -9.71
C6 BVD F . -12.79 -4.88 -9.87
C2 BVD F . -13.89 -2.84 -9.15
O2 BVD F . -14.76 -1.98 -9.26
N3 BVD F . -12.74 -2.62 -8.52
C4 BVD F . -11.56 -3.34 -8.62
O4 BVD F . -10.55 -2.82 -8.13
C5 BVD F . -11.66 -4.61 -9.29
C5A BVD F . -10.78 -5.61 -9.16
C5B BVD F . -9.52 -5.35 -8.74
BR BVD F . -8.13 -6.65 -8.41
C2' BVD F . -15.10 -5.02 -11.73
C3' BVD F . -16.26 -5.88 -11.90
O3' BVD F . -17.41 -5.08 -11.93
#